data_6QSX
#
_entry.id   6QSX
#
_cell.length_a   55.592
_cell.length_b   98.060
_cell.length_c   61.721
_cell.angle_alpha   90.000
_cell.angle_beta   99.174
_cell.angle_gamma   90.000
#
_symmetry.space_group_name_H-M   'P 1 21 1'
#
loop_
_entity.id
_entity.type
_entity.pdbx_description
1 polymer 'Complement factor B'
2 non-polymer 'SULFATE ION'
3 non-polymer [(2~{S},4~{S})-1-[(5,7-dimethyl-1~{H}-indol-4-yl)methyl]-4-methoxy-piperidin-2-yl]methanol
4 non-polymer 'ZINC ION'
5 water water
#
_entity_poly.entity_id   1
_entity_poly.type   'polypeptide(L)'
_entity_poly.pdbx_seq_one_letter_code
;SLSLCGMVWEHRKGTDYHKQPWQAKISVIRPSKGHESCMGAVVSEYFVLTAAHCFTVDDKEHSIKVSVGGEKRDLEIEVV
LFHPNYNINGKKEAGIPEFYDYDVALIKLKNKLKYGQTIRPICLPCTEGTTRALRLPPTTTCQQQKEELLPAQDIKALFV
SEEEKKLTRKEVYIKNGDKKGSCERDAQYAPGYDKVKDISEVVTPRFLCTGGVSPYADPNTCRGDSGGPLIVHKRSRFIQ
VGVISWGVVDVCKNQKRQKQVPAHARDFHINLFQVLPWLKEKLQDEDLGFL
;
_entity_poly.pdbx_strand_id   AAA,BBB
#
# COMPACT_ATOMS: atom_id res chain seq x y z
N SER A 3 3.04 -25.34 -19.18
CA SER A 3 4.36 -25.97 -18.90
C SER A 3 4.34 -26.66 -17.54
N LEU A 4 5.15 -27.71 -17.35
CA LEU A 4 5.42 -28.31 -16.00
C LEU A 4 6.52 -27.51 -15.29
N CYS A 5 6.11 -26.55 -14.49
CA CYS A 5 7.03 -25.60 -13.82
C CYS A 5 7.57 -26.22 -12.53
N GLY A 6 8.71 -25.71 -12.05
CA GLY A 6 9.25 -26.02 -10.72
C GLY A 6 9.65 -27.48 -10.58
N MET A 7 10.03 -28.14 -11.67
CA MET A 7 10.40 -29.58 -11.68
C MET A 7 11.80 -29.71 -12.28
N VAL A 8 12.67 -30.45 -11.62
CA VAL A 8 13.98 -30.91 -12.18
C VAL A 8 13.70 -31.81 -13.40
N TRP A 9 14.50 -31.69 -14.48
CA TRP A 9 14.23 -32.38 -15.78
C TRP A 9 15.01 -33.72 -15.88
N GLY A 14 23.02 -34.81 -10.98
CA GLY A 14 23.26 -33.51 -11.66
C GLY A 14 23.61 -32.42 -10.66
N THR A 15 24.35 -31.39 -11.09
CA THR A 15 24.91 -30.31 -10.24
C THR A 15 24.38 -28.92 -10.67
N ASP A 16 24.46 -27.91 -9.80
CA ASP A 16 24.33 -26.48 -10.18
C ASP A 16 23.00 -26.29 -10.92
N TYR A 17 23.02 -25.86 -12.19
CA TYR A 17 21.76 -25.51 -12.89
C TYR A 17 20.91 -26.74 -13.22
N HIS A 18 21.45 -27.96 -13.20
CA HIS A 18 20.62 -29.20 -13.31
C HIS A 18 19.64 -29.31 -12.14
N LYS A 19 20.01 -28.83 -10.96
CA LYS A 19 19.16 -28.87 -9.74
C LYS A 19 18.29 -27.60 -9.62
N GLN A 20 18.76 -26.46 -10.12
CA GLN A 20 18.04 -25.15 -10.03
C GLN A 20 18.00 -24.49 -11.41
N PRO A 21 17.31 -25.12 -12.40
CA PRO A 21 17.32 -24.67 -13.79
C PRO A 21 16.54 -23.38 -14.10
N TRP A 22 15.86 -22.81 -13.11
CA TRP A 22 15.13 -21.51 -13.24
C TRP A 22 16.03 -20.36 -12.83
N GLN A 23 17.22 -20.62 -12.31
CA GLN A 23 18.11 -19.51 -11.83
C GLN A 23 18.62 -18.74 -13.06
N ALA A 24 18.62 -17.43 -12.95
CA ALA A 24 19.23 -16.53 -13.94
C ALA A 24 20.30 -15.71 -13.24
N LYS A 25 21.41 -15.44 -13.94
CA LYS A 25 22.54 -14.67 -13.44
C LYS A 25 22.56 -13.33 -14.15
N ILE A 26 22.57 -12.24 -13.39
CA ILE A 26 22.54 -10.87 -13.96
C ILE A 26 23.85 -10.17 -13.60
N SER A 27 24.47 -9.52 -14.58
CA SER A 27 25.68 -8.70 -14.38
C SER A 27 25.35 -7.27 -14.81
N VAL A 28 25.75 -6.30 -14.00
CA VAL A 28 25.62 -4.85 -14.33
C VAL A 28 26.72 -4.52 -15.37
N ILE A 29 26.36 -3.89 -16.49
CA ILE A 29 27.31 -3.66 -17.62
C ILE A 29 28.33 -2.58 -17.25
N ARG A 30 27.93 -1.48 -16.61
CA ARG A 30 28.86 -0.42 -16.10
C ARG A 30 28.91 -0.52 -14.58
N PRO A 31 29.60 -1.53 -13.99
CA PRO A 31 29.46 -1.82 -12.56
C PRO A 31 30.12 -0.77 -11.66
N SER A 32 29.65 -0.69 -10.42
CA SER A 32 30.19 0.15 -9.34
C SER A 32 29.93 -0.54 -8.00
N LYS A 33 30.54 -0.05 -6.92
CA LYS A 33 30.29 -0.54 -5.53
C LYS A 33 28.77 -0.58 -5.30
N GLY A 34 28.23 -1.74 -4.96
CA GLY A 34 26.79 -1.91 -4.69
C GLY A 34 25.95 -2.13 -5.95
N HIS A 35 26.57 -2.17 -7.11
CA HIS A 35 25.91 -2.28 -8.43
C HIS A 35 26.77 -3.15 -9.35
N GLU A 36 26.97 -4.41 -8.98
CA GLU A 36 27.82 -5.36 -9.75
C GLU A 36 26.99 -6.50 -10.33
N SER A 37 26.06 -7.11 -9.58
CA SER A 37 25.47 -8.43 -9.90
CA SER A 37 25.40 -8.35 -10.03
C SER A 37 24.07 -8.56 -9.29
N CYS A 38 23.22 -9.37 -9.89
CA CYS A 38 21.89 -9.72 -9.36
C CYS A 38 21.60 -11.17 -9.79
N MET A 39 20.44 -11.64 -9.38
CA MET A 39 19.92 -12.96 -9.78
C MET A 39 18.50 -12.71 -10.30
N GLY A 40 17.90 -13.73 -10.90
CA GLY A 40 16.51 -13.68 -11.32
C GLY A 40 15.99 -15.09 -11.46
N ALA A 41 14.75 -15.21 -11.93
CA ALA A 41 14.06 -16.51 -12.10
C ALA A 41 13.40 -16.53 -13.46
N VAL A 42 13.65 -17.58 -14.22
CA VAL A 42 12.91 -17.87 -15.46
C VAL A 42 11.46 -18.19 -15.06
N VAL A 43 10.50 -17.40 -15.53
CA VAL A 43 9.08 -17.62 -15.19
C VAL A 43 8.28 -17.98 -16.44
N SER A 44 8.82 -17.80 -17.63
CA SER A 44 8.17 -18.21 -18.91
C SER A 44 9.20 -18.17 -20.03
N GLU A 45 8.84 -18.59 -21.25
CA GLU A 45 9.83 -18.70 -22.35
C GLU A 45 10.38 -17.32 -22.71
N TYR A 46 9.67 -16.23 -22.40
CA TYR A 46 10.13 -14.85 -22.72
C TYR A 46 10.47 -13.99 -21.51
N PHE A 47 10.38 -14.49 -20.27
CA PHE A 47 10.43 -13.58 -19.09
C PHE A 47 11.30 -14.13 -17.99
N VAL A 48 12.09 -13.20 -17.44
CA VAL A 48 12.87 -13.37 -16.19
C VAL A 48 12.39 -12.34 -15.17
N LEU A 49 12.06 -12.81 -13.96
CA LEU A 49 11.58 -11.98 -12.84
C LEU A 49 12.79 -11.66 -11.97
N THR A 50 12.99 -10.39 -11.62
CA THR A 50 14.14 -9.95 -10.80
C THR A 50 13.72 -8.74 -9.95
N ALA A 51 14.67 -8.06 -9.37
CA ALA A 51 14.47 -6.85 -8.54
C ALA A 51 14.67 -5.61 -9.41
N ALA A 52 13.82 -4.60 -9.22
CA ALA A 52 13.89 -3.32 -9.96
C ALA A 52 15.21 -2.60 -9.69
N HIS A 53 15.77 -2.75 -8.50
CA HIS A 53 16.97 -1.98 -8.08
C HIS A 53 18.23 -2.50 -8.76
N CYS A 54 18.13 -3.57 -9.54
CA CYS A 54 19.27 -4.13 -10.32
C CYS A 54 19.60 -3.29 -11.56
N PHE A 55 18.69 -2.41 -11.98
CA PHE A 55 18.82 -1.66 -13.25
C PHE A 55 19.23 -0.21 -13.00
N THR A 56 19.68 0.47 -14.06
CA THR A 56 19.67 1.95 -14.10
C THR A 56 18.22 2.35 -14.49
N VAL A 57 17.69 3.44 -13.94
CA VAL A 57 16.31 3.88 -14.28
C VAL A 57 16.26 4.33 -15.75
N ASP A 58 17.34 4.96 -16.24
CA ASP A 58 17.49 5.37 -17.67
C ASP A 58 18.10 4.22 -18.48
N ASP A 59 17.51 3.91 -19.63
CA ASP A 59 17.97 2.89 -20.62
C ASP A 59 18.18 1.55 -19.88
N LYS A 60 17.15 1.10 -19.20
CA LYS A 60 17.16 -0.12 -18.34
C LYS A 60 17.71 -1.29 -19.17
N GLU A 61 17.26 -1.39 -20.42
CA GLU A 61 17.48 -2.54 -21.31
C GLU A 61 18.97 -2.74 -21.62
N HIS A 62 19.78 -1.67 -21.59
CA HIS A 62 21.23 -1.75 -21.89
C HIS A 62 22.08 -1.65 -20.62
N SER A 63 21.49 -1.83 -19.43
CA SER A 63 22.18 -1.59 -18.15
C SER A 63 22.63 -2.91 -17.52
N ILE A 64 22.17 -4.07 -18.03
CA ILE A 64 22.54 -5.40 -17.50
C ILE A 64 22.73 -6.37 -18.66
N LYS A 65 23.41 -7.46 -18.36
CA LYS A 65 23.37 -8.72 -19.14
C LYS A 65 22.72 -9.78 -18.28
N VAL A 66 22.03 -10.70 -18.93
CA VAL A 66 21.40 -11.83 -18.22
C VAL A 66 21.78 -13.13 -18.95
N SER A 67 22.06 -14.16 -18.16
CA SER A 67 22.37 -15.53 -18.66
C SER A 67 21.49 -16.53 -17.88
N VAL A 68 21.16 -17.63 -18.54
CA VAL A 68 20.47 -18.79 -17.94
C VAL A 68 21.33 -20.04 -18.16
N GLY A 69 21.03 -21.08 -17.39
CA GLY A 69 21.60 -22.41 -17.56
C GLY A 69 23.09 -22.45 -17.31
N GLY A 70 23.64 -21.45 -16.65
CA GLY A 70 25.10 -21.34 -16.43
C GLY A 70 25.88 -21.15 -17.73
N GLU A 71 25.23 -20.59 -18.75
CA GLU A 71 25.85 -20.37 -20.05
C GLU A 71 26.74 -19.13 -20.00
N LYS A 72 27.69 -19.07 -20.93
CA LYS A 72 28.52 -17.87 -21.19
C LYS A 72 27.68 -16.83 -21.91
N ARG A 73 26.79 -17.25 -22.81
CA ARG A 73 26.07 -16.32 -23.69
C ARG A 73 25.10 -15.48 -22.84
N ASP A 74 24.91 -14.23 -23.26
CA ASP A 74 23.97 -13.21 -22.75
C ASP A 74 22.71 -13.31 -23.63
N LEU A 75 21.54 -13.19 -23.05
CA LEU A 75 20.28 -13.15 -23.79
C LEU A 75 19.94 -11.71 -24.19
N GLU A 76 19.37 -11.55 -25.37
CA GLU A 76 18.89 -10.25 -25.85
C GLU A 76 17.68 -9.79 -25.02
N ILE A 77 17.82 -8.63 -24.37
CA ILE A 77 16.74 -7.99 -23.56
C ILE A 77 15.96 -6.99 -24.42
N GLU A 78 14.66 -7.24 -24.63
CA GLU A 78 13.80 -6.37 -25.44
C GLU A 78 13.24 -5.23 -24.59
N VAL A 79 12.66 -5.53 -23.43
CA VAL A 79 12.07 -4.49 -22.56
C VAL A 79 12.30 -4.93 -21.11
N VAL A 80 12.51 -3.94 -20.27
CA VAL A 80 12.53 -4.15 -18.79
C VAL A 80 11.32 -3.42 -18.21
N LEU A 81 10.50 -4.14 -17.47
CA LEU A 81 9.24 -3.62 -16.90
C LEU A 81 9.42 -3.49 -15.40
N PHE A 82 9.49 -2.27 -14.87
CA PHE A 82 9.50 -2.04 -13.41
C PHE A 82 8.07 -2.09 -12.87
N HIS A 83 7.87 -2.63 -11.68
CA HIS A 83 6.61 -2.40 -10.94
C HIS A 83 6.37 -0.90 -10.92
N PRO A 84 5.16 -0.42 -11.30
CA PRO A 84 4.92 1.02 -11.34
C PRO A 84 5.00 1.72 -9.96
N ASN A 85 4.90 1.00 -8.85
CA ASN A 85 4.95 1.63 -7.51
C ASN A 85 6.40 1.80 -7.05
N TYR A 86 7.36 1.18 -7.75
CA TYR A 86 8.77 1.20 -7.32
C TYR A 86 9.42 2.59 -7.49
N ASN A 87 10.08 3.07 -6.44
CA ASN A 87 10.88 4.33 -6.45
C ASN A 87 11.85 4.34 -5.25
N ILE A 88 13.13 4.12 -5.53
CA ILE A 88 14.15 3.95 -4.47
C ILE A 88 14.21 5.24 -3.65
N ASN A 89 13.83 6.38 -4.24
CA ASN A 89 13.89 7.72 -3.59
C ASN A 89 12.56 8.15 -2.98
N GLY A 90 11.56 7.29 -2.90
CA GLY A 90 10.17 7.67 -2.55
C GLY A 90 9.99 8.13 -1.10
N LYS A 91 10.88 7.80 -0.17
CA LYS A 91 10.72 8.15 1.28
C LYS A 91 11.91 9.01 1.75
N LYS A 92 12.59 9.70 0.83
CA LYS A 92 13.79 10.51 1.16
C LYS A 92 13.42 11.61 2.17
N GLU A 93 12.19 12.18 2.12
CA GLU A 93 11.69 13.26 3.03
C GLU A 93 11.54 12.75 4.47
N ALA A 94 11.23 11.46 4.63
CA ALA A 94 11.17 10.78 5.95
C ALA A 94 12.57 10.33 6.40
N GLY A 95 13.66 10.74 5.73
CA GLY A 95 15.04 10.33 6.09
C GLY A 95 15.32 8.85 5.77
N ILE A 96 14.54 8.26 4.85
CA ILE A 96 14.77 6.89 4.32
C ILE A 96 15.54 7.03 3.00
N PRO A 97 16.86 6.76 2.98
CA PRO A 97 17.71 7.07 1.83
C PRO A 97 17.41 6.18 0.61
N GLU A 98 17.03 4.94 0.87
CA GLU A 98 16.67 3.91 -0.14
C GLU A 98 15.40 3.21 0.32
N PHE A 99 14.40 3.19 -0.54
CA PHE A 99 13.07 2.62 -0.23
C PHE A 99 12.81 1.52 -1.24
N TYR A 100 12.70 0.29 -0.79
CA TYR A 100 12.66 -0.91 -1.67
C TYR A 100 11.23 -1.44 -1.82
N ASP A 101 10.22 -0.67 -1.47
CA ASP A 101 8.84 -1.17 -1.68
C ASP A 101 8.65 -1.47 -3.18
N TYR A 102 7.93 -2.56 -3.48
CA TYR A 102 7.60 -2.98 -4.87
C TYR A 102 8.86 -3.13 -5.71
N ASP A 103 9.94 -3.63 -5.10
CA ASP A 103 11.25 -3.85 -5.77
C ASP A 103 11.21 -5.09 -6.69
N VAL A 104 10.41 -5.05 -7.74
CA VAL A 104 10.28 -6.19 -8.68
C VAL A 104 10.26 -5.63 -10.10
N ALA A 105 10.82 -6.39 -11.02
CA ALA A 105 10.90 -6.03 -12.45
C ALA A 105 10.89 -7.31 -13.29
N LEU A 106 10.34 -7.21 -14.48
CA LEU A 106 10.33 -8.29 -15.46
C LEU A 106 11.24 -7.90 -16.60
N ILE A 107 12.07 -8.86 -17.00
CA ILE A 107 12.92 -8.79 -18.21
C ILE A 107 12.17 -9.54 -19.30
N LYS A 108 11.71 -8.81 -20.32
CA LYS A 108 11.12 -9.44 -21.53
C LYS A 108 12.24 -9.70 -22.53
N LEU A 109 12.45 -10.97 -22.83
CA LEU A 109 13.52 -11.42 -23.75
C LEU A 109 13.00 -11.25 -25.18
N LYS A 110 13.88 -10.87 -26.09
CA LYS A 110 13.52 -10.80 -27.53
C LYS A 110 13.21 -12.21 -28.05
N ASN A 111 14.03 -13.19 -27.71
CA ASN A 111 13.98 -14.57 -28.28
C ASN A 111 13.36 -15.50 -27.23
N LYS A 112 12.55 -16.45 -27.71
CA LYS A 112 11.92 -17.51 -26.89
C LYS A 112 13.02 -18.42 -26.31
N LEU A 113 13.05 -18.64 -24.99
CA LEU A 113 13.95 -19.66 -24.40
C LEU A 113 13.52 -21.06 -24.86
N LYS A 114 14.49 -21.94 -25.03
CA LYS A 114 14.28 -23.38 -25.25
C LYS A 114 14.57 -24.06 -23.91
N TYR A 115 13.54 -24.57 -23.28
CA TYR A 115 13.67 -25.33 -22.00
C TYR A 115 14.49 -26.59 -22.24
N GLY A 116 15.30 -26.96 -21.26
CA GLY A 116 16.13 -28.17 -21.28
C GLY A 116 16.45 -28.62 -19.86
N GLN A 117 17.55 -29.35 -19.68
CA GLN A 117 17.99 -29.83 -18.34
C GLN A 117 18.47 -28.68 -17.44
N THR A 118 18.90 -27.54 -17.99
CA THR A 118 19.53 -26.44 -17.24
C THR A 118 18.70 -25.15 -17.33
N ILE A 119 17.57 -25.18 -18.02
CA ILE A 119 16.71 -23.99 -18.28
C ILE A 119 15.27 -24.43 -18.16
N ARG A 120 14.61 -24.07 -17.08
CA ARG A 120 13.21 -24.47 -16.85
C ARG A 120 12.56 -23.35 -16.08
N PRO A 121 11.25 -23.14 -16.21
CA PRO A 121 10.56 -22.14 -15.44
C PRO A 121 10.21 -22.63 -14.04
N ILE A 122 10.20 -21.68 -13.10
CA ILE A 122 9.74 -21.90 -11.71
C ILE A 122 8.24 -21.60 -11.68
N CYS A 123 7.50 -22.26 -10.80
CA CYS A 123 6.05 -21.95 -10.65
C CYS A 123 5.91 -20.63 -9.92
N LEU A 124 4.88 -19.85 -10.29
CA LEU A 124 4.51 -18.60 -9.64
C LEU A 124 3.23 -18.85 -8.84
N PRO A 125 3.00 -18.06 -7.76
CA PRO A 125 1.77 -18.10 -6.98
C PRO A 125 0.56 -17.77 -7.84
N CYS A 126 -0.57 -18.41 -7.52
CA CYS A 126 -1.90 -18.11 -8.09
C CYS A 126 -1.90 -18.38 -9.60
N THR A 127 -1.30 -19.49 -9.99
CA THR A 127 -1.33 -20.00 -11.37
C THR A 127 -1.80 -21.45 -11.37
N GLU A 128 -2.29 -21.92 -12.52
CA GLU A 128 -2.67 -23.34 -12.74
C GLU A 128 -1.42 -24.20 -12.65
N GLY A 129 -0.27 -23.68 -13.03
CA GLY A 129 0.98 -24.42 -12.84
C GLY A 129 1.18 -24.82 -11.39
N THR A 130 0.95 -23.92 -10.46
CA THR A 130 1.15 -24.15 -9.01
C THR A 130 0.05 -25.07 -8.49
N THR A 131 -1.20 -24.86 -8.92
CA THR A 131 -2.32 -25.79 -8.60
C THR A 131 -1.89 -27.23 -8.91
N ARG A 132 -1.35 -27.48 -10.10
CA ARG A 132 -0.97 -28.83 -10.52
C ARG A 132 0.29 -29.26 -9.77
N ALA A 133 1.29 -28.38 -9.63
CA ALA A 133 2.54 -28.74 -8.92
C ALA A 133 2.21 -29.19 -7.49
N LEU A 134 1.25 -28.52 -6.83
CA LEU A 134 0.84 -28.84 -5.42
C LEU A 134 -0.29 -29.91 -5.40
N ARG A 135 -0.66 -30.42 -6.56
CA ARG A 135 -1.65 -31.51 -6.72
C ARG A 135 -2.96 -31.10 -6.04
N LEU A 136 -3.39 -29.89 -6.31
CA LEU A 136 -4.63 -29.29 -5.77
C LEU A 136 -5.75 -29.37 -6.78
N PRO A 137 -7.01 -29.28 -6.29
CA PRO A 137 -8.18 -29.36 -7.16
C PRO A 137 -8.41 -28.09 -7.97
N PRO A 138 -9.24 -28.18 -9.05
CA PRO A 138 -9.54 -27.02 -9.89
C PRO A 138 -10.37 -25.94 -9.19
N THR A 139 -10.94 -26.21 -8.03
CA THR A 139 -11.68 -25.19 -7.21
C THR A 139 -10.66 -24.33 -6.44
N THR A 140 -9.37 -24.66 -6.50
CA THR A 140 -8.34 -23.95 -5.70
C THR A 140 -8.37 -22.45 -6.03
N THR A 141 -8.36 -21.60 -5.00
CA THR A 141 -8.31 -20.13 -5.11
C THR A 141 -6.90 -19.65 -4.75
N CYS A 142 -6.64 -18.40 -5.08
CA CYS A 142 -5.37 -17.72 -4.73
C CYS A 142 -5.20 -17.74 -3.20
N GLN A 143 -6.26 -17.47 -2.43
CA GLN A 143 -6.19 -17.49 -0.96
C GLN A 143 -5.84 -18.90 -0.47
N GLN A 144 -6.38 -19.95 -1.10
CA GLN A 144 -6.00 -21.32 -0.64
C GLN A 144 -4.52 -21.58 -0.93
N GLN A 145 -4.01 -21.13 -2.09
CA GLN A 145 -2.58 -21.37 -2.44
C GLN A 145 -1.71 -20.66 -1.41
N LYS A 146 -2.12 -19.46 -1.00
CA LYS A 146 -1.39 -18.69 0.04
C LYS A 146 -1.40 -19.45 1.36
N GLU A 147 -2.52 -20.07 1.74
CA GLU A 147 -2.59 -20.82 3.04
C GLU A 147 -1.69 -22.05 2.96
N GLU A 148 -1.56 -22.63 1.77
CA GLU A 148 -0.71 -23.83 1.55
C GLU A 148 0.77 -23.41 1.61
N LEU A 149 1.12 -22.28 1.00
CA LEU A 149 2.55 -21.94 0.77
C LEU A 149 3.10 -21.02 1.89
N LEU A 150 2.28 -20.11 2.38
CA LEU A 150 2.69 -19.17 3.45
C LEU A 150 1.73 -19.26 4.63
N PRO A 151 1.70 -20.40 5.34
CA PRO A 151 0.95 -20.50 6.59
C PRO A 151 1.60 -19.58 7.65
N ALA A 152 0.90 -19.32 8.75
CA ALA A 152 1.34 -18.36 9.79
C ALA A 152 2.26 -19.10 10.74
N GLN A 153 3.51 -19.35 10.30
CA GLN A 153 4.51 -20.13 11.05
C GLN A 153 5.90 -19.76 10.53
N ASP A 154 6.94 -20.36 11.11
CA ASP A 154 8.30 -20.38 10.48
C ASP A 154 8.22 -21.35 9.30
N ILE A 155 8.50 -20.86 8.10
CA ILE A 155 8.29 -21.61 6.83
C ILE A 155 9.66 -21.96 6.26
N LYS A 156 9.91 -23.25 6.05
CA LYS A 156 11.17 -23.74 5.43
C LYS A 156 11.17 -23.22 4.00
N ALA A 157 12.25 -22.57 3.58
CA ALA A 157 12.37 -22.01 2.24
C ALA A 157 13.82 -22.06 1.84
N LEU A 158 14.11 -21.56 0.64
CA LEU A 158 15.50 -21.65 0.17
C LEU A 158 15.77 -20.50 -0.81
N PHE A 159 17.03 -20.16 -0.92
CA PHE A 159 17.48 -19.28 -2.03
C PHE A 159 18.81 -19.85 -2.48
N VAL A 160 19.29 -19.31 -3.59
CA VAL A 160 20.52 -19.81 -4.25
C VAL A 160 21.41 -18.62 -4.54
N SER A 161 22.69 -18.76 -4.20
CA SER A 161 23.78 -17.81 -4.53
C SER A 161 24.65 -18.42 -5.62
N GLU A 162 25.25 -17.54 -6.43
CA GLU A 162 26.05 -17.95 -7.59
C GLU A 162 27.46 -17.38 -7.47
N GLU A 163 28.43 -18.16 -7.93
CA GLU A 163 29.83 -17.72 -7.98
C GLU A 163 30.52 -18.57 -9.06
N GLU A 164 30.95 -17.95 -10.17
CA GLU A 164 31.73 -18.58 -11.27
C GLU A 164 30.97 -19.82 -11.79
N LYS A 165 29.66 -19.67 -12.05
CA LYS A 165 28.75 -20.70 -12.65
C LYS A 165 28.36 -21.77 -11.63
N LYS A 166 28.87 -21.69 -10.40
CA LYS A 166 28.51 -22.65 -9.38
C LYS A 166 27.41 -22.06 -8.48
N LEU A 167 26.37 -22.85 -8.23
CA LEU A 167 25.21 -22.47 -7.40
C LEU A 167 25.35 -23.10 -6.00
N THR A 168 25.03 -22.33 -4.97
CA THR A 168 24.94 -22.81 -3.57
C THR A 168 23.52 -22.59 -3.07
N ARG A 169 22.78 -23.67 -2.86
CA ARG A 169 21.43 -23.64 -2.26
C ARG A 169 21.54 -23.43 -0.76
N LYS A 170 20.76 -22.49 -0.21
CA LYS A 170 20.80 -22.11 1.20
C LYS A 170 19.39 -22.25 1.78
N GLU A 171 19.26 -22.97 2.90
CA GLU A 171 17.95 -23.10 3.58
C GLU A 171 17.73 -21.90 4.51
N VAL A 172 16.54 -21.31 4.46
CA VAL A 172 16.18 -20.17 5.32
C VAL A 172 14.76 -20.44 5.78
N TYR A 173 14.37 -19.74 6.85
CA TYR A 173 13.02 -19.82 7.40
C TYR A 173 12.37 -18.46 7.33
N ILE A 174 11.18 -18.43 6.74
CA ILE A 174 10.36 -17.19 6.65
C ILE A 174 9.64 -17.07 7.97
N LYS A 175 9.78 -15.95 8.66
CA LYS A 175 9.15 -15.70 9.96
C LYS A 175 7.76 -15.16 9.68
N ASN A 176 6.77 -16.05 9.58
CA ASN A 176 5.42 -15.62 9.18
C ASN A 176 4.42 -15.90 10.32
N GLY A 177 4.90 -16.30 11.49
CA GLY A 177 4.06 -16.61 12.66
C GLY A 177 4.34 -15.65 13.80
N ASP A 178 4.53 -16.18 15.00
CA ASP A 178 4.74 -15.29 16.16
C ASP A 178 6.15 -14.64 16.11
N LYS A 179 7.05 -15.01 15.18
CA LYS A 179 8.36 -14.31 15.05
C LYS A 179 8.31 -13.19 14.00
N LYS A 180 7.17 -12.97 13.34
CA LYS A 180 7.06 -12.03 12.20
C LYS A 180 7.40 -10.62 12.66
N GLY A 181 6.76 -10.12 13.73
CA GLY A 181 6.96 -8.74 14.19
C GLY A 181 8.42 -8.50 14.57
N SER A 182 9.06 -9.45 15.28
CA SER A 182 10.48 -9.33 15.71
C SER A 182 11.37 -9.21 14.47
N CYS A 183 11.11 -10.04 13.48
CA CYS A 183 11.89 -10.07 12.21
C CYS A 183 11.80 -8.70 11.53
N GLU A 184 10.61 -8.13 11.44
CA GLU A 184 10.35 -6.84 10.74
C GLU A 184 11.00 -5.69 11.51
N ARG A 185 10.88 -5.67 12.83
CA ARG A 185 11.43 -4.58 13.67
C ARG A 185 12.95 -4.56 13.53
N ASP A 186 13.59 -5.70 13.22
CA ASP A 186 15.07 -5.77 13.08
C ASP A 186 15.54 -5.02 11.83
N ALA A 187 14.67 -4.46 11.01
CA ALA A 187 15.06 -3.53 9.92
C ALA A 187 15.83 -2.34 10.50
N GLN A 188 15.63 -2.01 11.78
CA GLN A 188 16.34 -0.88 12.43
C GLN A 188 17.86 -1.12 12.50
N TYR A 189 18.33 -2.37 12.36
CA TYR A 189 19.78 -2.71 12.40
C TYR A 189 20.41 -2.39 11.03
N ALA A 190 19.59 -2.15 9.99
CA ALA A 190 20.12 -1.82 8.66
C ALA A 190 20.61 -0.38 8.68
N PRO A 191 21.87 -0.12 8.32
CA PRO A 191 22.32 1.26 8.20
C PRO A 191 21.40 2.10 7.29
N GLY A 192 21.00 3.26 7.79
CA GLY A 192 20.06 4.20 7.14
C GLY A 192 18.63 4.03 7.58
N TYR A 193 18.26 2.93 8.25
CA TYR A 193 16.88 2.68 8.74
C TYR A 193 16.79 2.79 10.27
N ASP A 194 17.87 3.23 10.90
CA ASP A 194 18.07 3.17 12.37
C ASP A 194 17.42 4.37 13.07
N LYS A 195 17.00 5.41 12.34
CA LYS A 195 16.36 6.63 12.93
C LYS A 195 14.84 6.61 12.74
N VAL A 196 14.27 5.89 11.77
CA VAL A 196 12.80 5.91 11.49
C VAL A 196 12.01 5.46 12.73
N LYS A 197 11.03 6.23 13.18
CA LYS A 197 10.29 5.90 14.44
C LYS A 197 9.32 4.74 14.22
N ASP A 198 8.58 4.72 13.10
CA ASP A 198 7.63 3.63 12.75
C ASP A 198 8.29 2.78 11.65
N ILE A 199 8.77 1.59 11.99
CA ILE A 199 9.58 0.75 11.06
C ILE A 199 8.69 0.19 9.94
N SER A 200 7.35 0.23 10.10
CA SER A 200 6.42 -0.22 9.03
C SER A 200 6.47 0.77 7.86
N GLU A 201 7.08 1.95 8.03
CA GLU A 201 7.38 2.86 6.90
C GLU A 201 8.43 2.27 5.94
N VAL A 202 9.34 1.44 6.44
CA VAL A 202 10.40 0.79 5.60
C VAL A 202 9.93 -0.62 5.27
N VAL A 203 9.44 -1.37 6.25
CA VAL A 203 8.99 -2.77 6.07
C VAL A 203 7.47 -2.73 5.88
N THR A 204 7.07 -2.62 4.61
CA THR A 204 5.66 -2.56 4.16
C THR A 204 5.12 -3.98 4.10
N PRO A 205 3.79 -4.15 3.91
CA PRO A 205 3.19 -5.47 3.71
C PRO A 205 3.63 -6.23 2.45
N ARG A 206 4.43 -5.61 1.57
CA ARG A 206 5.02 -6.29 0.39
C ARG A 206 6.13 -7.24 0.81
N PHE A 207 6.63 -7.23 2.06
CA PHE A 207 7.85 -7.99 2.42
C PHE A 207 7.57 -9.24 3.23
N LEU A 208 8.31 -10.30 2.93
CA LEU A 208 8.58 -11.48 3.78
C LEU A 208 9.98 -11.29 4.38
N CYS A 209 10.21 -11.90 5.53
CA CYS A 209 11.42 -11.70 6.37
C CYS A 209 12.02 -13.06 6.66
N THR A 210 13.30 -13.24 6.34
CA THR A 210 14.09 -14.42 6.74
C THR A 210 15.27 -13.93 7.60
N GLY A 211 16.09 -14.87 8.01
CA GLY A 211 17.37 -14.56 8.67
C GLY A 211 17.23 -14.67 10.17
N GLY A 212 18.36 -14.54 10.86
CA GLY A 212 18.41 -14.74 12.31
C GLY A 212 18.86 -16.15 12.62
N VAL A 213 18.80 -16.51 13.90
CA VAL A 213 19.42 -17.79 14.38
C VAL A 213 18.34 -18.67 14.98
N SER A 214 17.09 -18.21 15.04
CA SER A 214 15.97 -19.07 15.50
C SER A 214 14.88 -19.05 14.43
N PRO A 215 14.30 -20.21 14.06
CA PRO A 215 14.56 -21.50 14.71
C PRO A 215 15.89 -22.18 14.33
N TYR A 216 16.50 -21.78 13.21
CA TYR A 216 17.80 -22.32 12.75
C TYR A 216 18.68 -21.14 12.34
N ALA A 217 19.97 -21.38 12.15
CA ALA A 217 20.97 -20.39 11.75
C ALA A 217 20.76 -20.20 10.25
N ASP A 218 20.00 -19.18 9.87
CA ASP A 218 19.75 -18.87 8.44
C ASP A 218 20.98 -18.25 7.81
N PRO A 219 21.40 -18.71 6.61
CA PRO A 219 22.38 -17.93 5.84
C PRO A 219 21.71 -16.61 5.46
N ASN A 220 22.53 -15.57 5.36
CA ASN A 220 22.09 -14.25 4.89
C ASN A 220 22.39 -14.10 3.41
N THR A 221 21.70 -13.14 2.83
CA THR A 221 21.91 -12.68 1.44
C THR A 221 23.04 -11.69 1.40
N CYS A 222 23.56 -11.50 0.19
CA CYS A 222 24.48 -10.42 -0.22
C CYS A 222 23.78 -9.59 -1.29
N ARG A 223 24.31 -8.41 -1.59
CA ARG A 223 23.79 -7.52 -2.65
C ARG A 223 23.63 -8.29 -3.95
N GLY A 224 24.59 -9.19 -4.29
CA GLY A 224 24.56 -9.90 -5.59
C GLY A 224 23.44 -10.94 -5.67
N ASP A 225 22.78 -11.26 -4.56
CA ASP A 225 21.61 -12.18 -4.53
C ASP A 225 20.31 -11.44 -4.86
N SER A 226 20.35 -10.12 -4.87
CA SER A 226 19.19 -9.25 -5.19
C SER A 226 18.50 -9.78 -6.44
N GLY A 227 17.17 -9.89 -6.41
CA GLY A 227 16.35 -10.29 -7.55
C GLY A 227 16.16 -11.80 -7.65
N GLY A 228 16.93 -12.59 -6.91
CA GLY A 228 16.81 -14.05 -6.89
C GLY A 228 15.49 -14.51 -6.29
N PRO A 229 15.00 -15.69 -6.69
CA PRO A 229 13.77 -16.22 -6.11
C PRO A 229 13.96 -16.77 -4.69
N LEU A 230 13.01 -16.45 -3.85
CA LEU A 230 12.78 -17.09 -2.56
C LEU A 230 11.75 -18.20 -2.80
N ILE A 231 12.14 -19.43 -2.51
CA ILE A 231 11.50 -20.66 -3.04
C ILE A 231 11.02 -21.55 -1.88
N VAL A 232 9.83 -22.12 -2.05
CA VAL A 232 9.28 -23.20 -1.18
C VAL A 232 9.33 -24.51 -1.96
N HIS A 233 9.84 -25.58 -1.33
CA HIS A 233 10.05 -26.92 -1.91
C HIS A 233 9.01 -27.86 -1.31
N LYS A 234 8.03 -28.29 -2.11
CA LYS A 234 6.90 -29.15 -1.65
C LYS A 234 6.77 -30.32 -2.61
N ARG A 235 6.89 -31.55 -2.12
CA ARG A 235 6.57 -32.78 -2.91
C ARG A 235 7.31 -32.71 -4.24
N SER A 236 8.61 -32.47 -4.18
CA SER A 236 9.56 -32.48 -5.32
C SER A 236 9.23 -31.37 -6.32
N ARG A 237 8.54 -30.32 -5.90
CA ARG A 237 8.24 -29.15 -6.76
C ARG A 237 8.72 -27.88 -6.07
N PHE A 238 9.15 -26.91 -6.87
CA PHE A 238 9.71 -25.64 -6.39
C PHE A 238 8.78 -24.51 -6.82
N ILE A 239 8.31 -23.75 -5.84
CA ILE A 239 7.33 -22.66 -6.05
C ILE A 239 8.02 -21.37 -5.59
N GLN A 240 8.08 -20.36 -6.46
CA GLN A 240 8.65 -19.05 -6.05
C GLN A 240 7.61 -18.30 -5.23
N VAL A 241 7.97 -17.89 -4.02
CA VAL A 241 7.04 -17.04 -3.21
C VAL A 241 7.57 -15.62 -3.05
N GLY A 242 8.85 -15.37 -3.33
CA GLY A 242 9.37 -14.02 -3.15
C GLY A 242 10.49 -13.68 -4.11
N VAL A 243 10.84 -12.39 -4.13
CA VAL A 243 12.06 -11.85 -4.82
C VAL A 243 12.98 -11.22 -3.78
N ILE A 244 14.22 -11.71 -3.68
CA ILE A 244 15.20 -11.13 -2.72
C ILE A 244 15.31 -9.62 -3.01
N SER A 245 15.11 -8.75 -2.02
CA SER A 245 15.15 -7.29 -2.22
C SER A 245 16.31 -6.69 -1.43
N TRP A 246 16.36 -6.83 -0.11
CA TRP A 246 17.38 -6.12 0.68
C TRP A 246 17.60 -6.79 2.02
N GLY A 247 18.81 -6.61 2.56
CA GLY A 247 19.19 -7.19 3.85
C GLY A 247 19.79 -6.17 4.80
N VAL A 248 19.81 -6.53 6.07
CA VAL A 248 20.34 -5.72 7.19
C VAL A 248 21.86 -5.70 7.06
N VAL A 249 22.44 -6.83 6.66
CA VAL A 249 23.91 -6.98 6.53
C VAL A 249 24.30 -7.83 5.32
N ASP A 250 25.20 -7.29 4.51
CA ASP A 250 25.77 -8.02 3.34
C ASP A 250 26.89 -8.90 3.89
N VAL A 251 26.65 -10.21 4.00
CA VAL A 251 27.64 -11.12 4.63
C VAL A 251 28.82 -11.43 3.69
N CYS A 252 28.74 -11.10 2.40
CA CYS A 252 29.88 -11.19 1.44
C CYS A 252 30.88 -10.07 1.79
N LYS A 253 30.41 -8.90 2.25
CA LYS A 253 31.24 -7.68 2.48
C LYS A 253 31.52 -7.50 3.97
N ASN A 254 30.66 -8.00 4.86
CA ASN A 254 30.59 -7.49 6.25
C ASN A 254 30.06 -8.60 7.19
N GLN A 255 30.61 -9.80 7.02
CA GLN A 255 30.40 -10.94 7.96
C GLN A 255 30.68 -10.48 9.40
N LYS A 256 31.65 -9.57 9.61
CA LYS A 256 32.02 -9.02 10.95
C LYS A 256 30.75 -8.50 11.64
N ARG A 257 29.97 -7.68 10.93
CA ARG A 257 28.73 -7.05 11.46
C ARG A 257 27.71 -8.15 11.77
N GLN A 258 27.51 -9.16 10.89
CA GLN A 258 26.50 -10.23 11.13
C GLN A 258 26.86 -10.99 12.42
N LYS A 259 28.15 -11.21 12.69
CA LYS A 259 28.59 -11.92 13.93
C LYS A 259 28.40 -11.02 15.17
N GLN A 260 28.26 -9.71 15.01
CA GLN A 260 27.98 -8.81 16.16
C GLN A 260 26.49 -8.87 16.52
N VAL A 261 25.60 -8.94 15.52
CA VAL A 261 24.13 -8.79 15.68
C VAL A 261 23.38 -9.95 15.02
N PRO A 262 23.80 -11.21 15.29
CA PRO A 262 23.32 -12.36 14.53
C PRO A 262 21.84 -12.64 14.79
N ALA A 263 21.30 -12.28 15.95
CA ALA A 263 19.87 -12.53 16.26
C ALA A 263 18.98 -11.63 15.41
N HIS A 264 19.53 -10.54 14.87
CA HIS A 264 18.75 -9.48 14.19
C HIS A 264 19.11 -9.37 12.70
N ALA A 265 19.93 -10.28 12.15
CA ALA A 265 20.47 -10.20 10.77
C ALA A 265 19.43 -10.72 9.79
N ARG A 266 18.50 -9.86 9.38
CA ARG A 266 17.32 -10.28 8.58
C ARG A 266 17.52 -9.93 7.11
N ASP A 267 16.82 -10.67 6.25
CA ASP A 267 16.73 -10.42 4.78
C ASP A 267 15.27 -10.20 4.45
N PHE A 268 15.01 -9.31 3.49
CA PHE A 268 13.63 -8.89 3.13
C PHE A 268 13.42 -9.20 1.66
N HIS A 269 12.25 -9.76 1.38
CA HIS A 269 11.89 -10.30 0.07
C HIS A 269 10.54 -9.76 -0.33
N ILE A 270 10.39 -9.33 -1.57
CA ILE A 270 9.06 -8.94 -2.07
C ILE A 270 8.20 -10.21 -2.17
N ASN A 271 7.06 -10.20 -1.50
CA ASN A 271 6.08 -11.30 -1.44
C ASN A 271 5.30 -11.28 -2.76
N LEU A 272 5.43 -12.32 -3.58
CA LEU A 272 4.78 -12.31 -4.93
C LEU A 272 3.24 -12.32 -4.76
N PHE A 273 2.72 -12.83 -3.64
CA PHE A 273 1.26 -12.74 -3.40
C PHE A 273 0.84 -11.27 -3.29
N GLN A 274 1.75 -10.33 -3.01
CA GLN A 274 1.38 -8.91 -2.83
C GLN A 274 1.63 -8.10 -4.11
N VAL A 275 2.08 -8.71 -5.21
CA VAL A 275 2.24 -7.97 -6.50
C VAL A 275 1.50 -8.72 -7.62
N LEU A 276 0.49 -9.51 -7.27
CA LEU A 276 -0.14 -10.40 -8.27
C LEU A 276 -0.80 -9.61 -9.37
N PRO A 277 -1.52 -8.49 -9.14
CA PRO A 277 -2.17 -7.83 -10.26
C PRO A 277 -1.16 -7.44 -11.33
N TRP A 278 0.00 -6.94 -10.94
CA TRP A 278 1.08 -6.55 -11.90
C TRP A 278 1.60 -7.81 -12.60
N LEU A 279 1.91 -8.90 -11.88
CA LEU A 279 2.45 -10.14 -12.50
C LEU A 279 1.44 -10.65 -13.53
N LYS A 280 0.18 -10.75 -13.09
CA LYS A 280 -0.94 -11.28 -13.91
C LYS A 280 -1.07 -10.45 -15.18
N GLU A 281 -1.04 -9.13 -15.10
CA GLU A 281 -1.18 -8.25 -16.28
C GLU A 281 0.01 -8.42 -17.22
N LYS A 282 1.24 -8.27 -16.71
CA LYS A 282 2.46 -8.33 -17.56
C LYS A 282 2.62 -9.72 -18.15
N LEU A 283 2.17 -10.78 -17.47
CA LEU A 283 2.42 -12.17 -17.92
C LEU A 283 1.18 -12.79 -18.56
N GLN A 284 0.16 -11.98 -18.85
CA GLN A 284 -1.16 -12.48 -19.31
C GLN A 284 -1.05 -13.26 -20.63
N ASP A 285 -0.02 -13.05 -21.48
CA ASP A 285 0.11 -13.79 -22.77
C ASP A 285 1.11 -14.94 -22.69
N GLU A 286 1.54 -15.38 -21.49
CA GLU A 286 2.63 -16.36 -21.33
C GLU A 286 2.12 -17.77 -21.02
N ASP A 287 0.80 -17.97 -21.13
CA ASP A 287 0.14 -19.29 -20.93
C ASP A 287 0.50 -19.88 -19.57
N LEU A 288 0.51 -19.06 -18.51
CA LEU A 288 0.79 -19.53 -17.13
C LEU A 288 -0.50 -19.82 -16.38
N GLY A 289 -1.65 -19.42 -16.95
CA GLY A 289 -2.98 -19.65 -16.34
C GLY A 289 -3.11 -19.03 -14.95
N PHE A 290 -3.01 -17.72 -14.85
CA PHE A 290 -3.23 -16.99 -13.59
C PHE A 290 -4.68 -17.21 -13.19
N LEU A 291 -4.91 -17.46 -11.91
CA LEU A 291 -6.28 -17.62 -11.34
C LEU A 291 -7.01 -16.27 -11.42
N SER B 3 -1.36 29.62 -1.28
CA SER B 3 -2.63 30.17 -0.64
C SER B 3 -2.63 29.91 0.88
N LEU B 4 -3.33 30.76 1.63
CA LEU B 4 -3.60 30.58 3.08
C LEU B 4 -4.78 29.62 3.28
N CYS B 5 -4.44 28.41 3.66
CA CYS B 5 -5.46 27.34 3.79
C CYS B 5 -6.04 27.36 5.21
N GLY B 6 -7.25 26.82 5.35
CA GLY B 6 -7.86 26.47 6.64
C GLY B 6 -8.12 27.70 7.46
N MET B 7 -8.37 28.83 6.81
CA MET B 7 -8.66 30.11 7.48
C MET B 7 -10.00 30.66 7.02
N VAL B 8 -10.89 30.98 7.95
CA VAL B 8 -12.18 31.68 7.70
C VAL B 8 -11.84 33.15 7.35
N TRP B 9 -12.66 33.85 6.55
CA TRP B 9 -12.82 35.33 6.64
C TRP B 9 -13.96 35.66 7.64
N GLU B 10 -13.66 36.23 8.82
CA GLU B 10 -14.66 36.51 9.90
C GLU B 10 -15.66 37.56 9.40
N GLY B 14 -21.70 35.68 10.66
CA GLY B 14 -21.64 34.71 9.55
C GLY B 14 -21.72 33.27 10.04
N THR B 15 -22.54 32.43 9.38
CA THR B 15 -22.76 31.01 9.71
C THR B 15 -22.57 30.15 8.44
N ASP B 16 -22.81 28.83 8.58
CA ASP B 16 -22.82 27.87 7.46
C ASP B 16 -21.50 28.00 6.72
N TYR B 17 -21.50 28.33 5.45
CA TYR B 17 -20.26 28.30 4.62
C TYR B 17 -19.33 29.46 4.99
N HIS B 18 -19.78 30.53 5.68
CA HIS B 18 -18.83 31.55 6.20
C HIS B 18 -17.88 30.91 7.23
N LYS B 19 -18.37 29.95 8.02
CA LYS B 19 -17.63 29.26 9.12
C LYS B 19 -16.83 28.05 8.56
N GLN B 20 -17.33 27.40 7.51
CA GLN B 20 -16.71 26.19 6.92
C GLN B 20 -16.69 26.34 5.40
N PRO B 21 -15.90 27.30 4.84
CA PRO B 21 -15.94 27.64 3.41
C PRO B 21 -15.27 26.59 2.47
N TRP B 22 -14.66 25.54 3.05
CA TRP B 22 -14.07 24.41 2.28
C TRP B 22 -15.10 23.30 2.05
N GLN B 23 -16.29 23.37 2.65
CA GLN B 23 -17.27 22.26 2.55
C GLN B 23 -17.83 22.19 1.12
N ALA B 24 -17.93 20.97 0.59
CA ALA B 24 -18.53 20.69 -0.75
C ALA B 24 -19.67 19.74 -0.56
N LYS B 25 -20.77 19.98 -1.28
CA LYS B 25 -22.00 19.15 -1.22
C LYS B 25 -22.11 18.32 -2.49
N ILE B 26 -22.20 17.01 -2.34
CA ILE B 26 -22.28 16.07 -3.48
C ILE B 26 -23.66 15.42 -3.50
N SER B 27 -24.28 15.39 -4.68
CA SER B 27 -25.57 14.70 -4.92
C SER B 27 -25.35 13.60 -5.95
N VAL B 28 -25.89 12.41 -5.71
CA VAL B 28 -25.81 11.29 -6.68
C VAL B 28 -26.84 11.57 -7.77
N ILE B 29 -26.49 11.45 -9.07
CA ILE B 29 -27.39 11.92 -10.16
C ILE B 29 -28.58 10.94 -10.32
N ARG B 30 -28.35 9.64 -10.27
CA ARG B 30 -29.44 8.60 -10.28
C ARG B 30 -29.50 8.00 -8.88
N PRO B 31 -30.09 8.69 -7.86
CA PRO B 31 -30.01 8.22 -6.48
C PRO B 31 -30.81 6.94 -6.22
N SER B 32 -30.40 6.21 -5.20
CA SER B 32 -31.04 4.98 -4.69
C SER B 32 -30.78 4.90 -3.18
N LYS B 33 -31.45 3.97 -2.49
CA LYS B 33 -31.18 3.65 -1.06
C LYS B 33 -29.67 3.49 -0.88
N GLY B 34 -29.07 4.28 0.01
CA GLY B 34 -27.63 4.15 0.32
C GLY B 34 -26.72 4.85 -0.68
N HIS B 35 -27.31 5.54 -1.68
CA HIS B 35 -26.58 6.23 -2.77
C HIS B 35 -27.33 7.51 -3.12
N GLU B 36 -27.41 8.44 -2.18
CA GLU B 36 -28.12 9.73 -2.38
C GLU B 36 -27.18 10.94 -2.37
N SER B 37 -26.25 11.02 -1.42
N SER B 37 -26.32 11.08 -1.36
CA SER B 37 -25.56 12.28 -1.05
CA SER B 37 -25.49 12.30 -1.18
C SER B 37 -24.18 11.96 -0.46
C SER B 37 -24.14 11.94 -0.56
N CYS B 38 -23.24 12.90 -0.62
CA CYS B 38 -21.91 12.84 -0.01
C CYS B 38 -21.48 14.26 0.32
N MET B 39 -20.31 14.36 0.93
CA MET B 39 -19.67 15.65 1.21
C MET B 39 -18.26 15.57 0.64
N GLY B 40 -17.58 16.71 0.63
CA GLY B 40 -16.15 16.75 0.24
C GLY B 40 -15.54 18.01 0.73
N ALA B 41 -14.30 18.29 0.34
CA ALA B 41 -13.51 19.41 0.84
C ALA B 41 -12.77 20.06 -0.33
N VAL B 42 -12.88 21.37 -0.45
CA VAL B 42 -12.08 22.16 -1.40
C VAL B 42 -10.62 22.11 -0.93
N VAL B 43 -9.73 21.57 -1.74
CA VAL B 43 -8.29 21.48 -1.37
C VAL B 43 -7.42 22.32 -2.30
N SER B 44 -7.95 22.79 -3.42
CA SER B 44 -7.25 23.72 -4.34
C SER B 44 -8.26 24.34 -5.29
N GLU B 45 -7.82 25.27 -6.16
CA GLU B 45 -8.77 25.99 -7.03
C GLU B 45 -9.42 25.03 -8.03
N TYR B 46 -8.83 23.88 -8.29
CA TYR B 46 -9.38 22.87 -9.24
C TYR B 46 -9.83 21.56 -8.59
N PHE B 47 -9.72 21.35 -7.28
CA PHE B 47 -9.87 19.98 -6.72
C PHE B 47 -10.73 19.99 -5.47
N VAL B 48 -11.61 18.98 -5.44
CA VAL B 48 -12.43 18.60 -4.26
C VAL B 48 -12.05 17.17 -3.86
N LEU B 49 -11.72 16.98 -2.58
CA LEU B 49 -11.36 15.67 -2.00
C LEU B 49 -12.62 15.06 -1.38
N THR B 50 -12.92 13.81 -1.72
CA THR B 50 -14.11 13.09 -1.20
C THR B 50 -13.82 11.61 -1.04
N ALA B 51 -14.87 10.80 -0.87
CA ALA B 51 -14.74 9.33 -0.73
C ALA B 51 -14.99 8.70 -2.09
N ALA B 52 -14.23 7.66 -2.46
CA ALA B 52 -14.40 6.90 -3.72
C ALA B 52 -15.78 6.27 -3.78
N HIS B 53 -16.35 5.86 -2.67
CA HIS B 53 -17.62 5.06 -2.69
C HIS B 53 -18.82 5.96 -3.02
N CYS B 54 -18.61 7.27 -3.14
CA CYS B 54 -19.66 8.25 -3.52
C CYS B 54 -20.03 8.17 -5.01
N PHE B 55 -19.22 7.56 -5.83
CA PHE B 55 -19.34 7.51 -7.30
C PHE B 55 -19.85 6.14 -7.71
N THR B 56 -20.38 6.05 -8.93
CA THR B 56 -20.58 4.75 -9.60
C THR B 56 -19.23 4.39 -10.19
N VAL B 57 -18.89 3.09 -10.22
CA VAL B 57 -17.64 2.60 -10.85
C VAL B 57 -17.70 2.89 -12.35
N ASP B 58 -18.87 2.73 -12.98
CA ASP B 58 -19.12 3.01 -14.42
C ASP B 58 -19.37 4.52 -14.59
N ASP B 59 -18.61 5.18 -15.48
CA ASP B 59 -18.87 6.57 -15.91
C ASP B 59 -18.81 7.50 -14.69
N LYS B 60 -17.75 7.40 -13.91
CA LYS B 60 -17.66 8.12 -12.60
C LYS B 60 -17.98 9.59 -12.79
N GLU B 61 -17.46 10.21 -13.85
CA GLU B 61 -17.47 11.70 -13.99
C GLU B 61 -18.90 12.24 -14.16
N HIS B 62 -19.83 11.40 -14.62
CA HIS B 62 -21.23 11.83 -14.88
C HIS B 62 -22.15 11.22 -13.82
N SER B 63 -21.63 10.76 -12.67
CA SER B 63 -22.43 10.01 -11.67
C SER B 63 -22.83 10.90 -10.49
N ILE B 64 -22.28 12.11 -10.36
CA ILE B 64 -22.55 13.03 -9.24
C ILE B 64 -22.66 14.46 -9.75
N LYS B 65 -23.26 15.30 -8.91
CA LYS B 65 -23.23 16.77 -8.98
C LYS B 65 -22.43 17.26 -7.79
N VAL B 66 -21.68 18.33 -7.92
CA VAL B 66 -20.95 18.93 -6.79
C VAL B 66 -21.20 20.43 -6.78
N SER B 67 -21.43 20.98 -5.59
CA SER B 67 -21.58 22.43 -5.33
C SER B 67 -20.64 22.85 -4.19
N VAL B 68 -20.21 24.11 -4.22
CA VAL B 68 -19.43 24.74 -3.12
C VAL B 68 -20.15 26.01 -2.68
N GLY B 69 -19.77 26.51 -1.51
CA GLY B 69 -20.18 27.83 -0.99
C GLY B 69 -21.66 27.91 -0.74
N GLY B 70 -22.36 26.78 -0.65
CA GLY B 70 -23.83 26.77 -0.49
C GLY B 70 -24.56 27.27 -1.74
N GLU B 71 -23.91 27.28 -2.90
CA GLU B 71 -24.51 27.75 -4.14
C GLU B 71 -25.46 26.69 -4.72
N LYS B 72 -26.42 27.12 -5.54
CA LYS B 72 -27.36 26.21 -6.24
C LYS B 72 -26.63 25.54 -7.39
N ARG B 73 -25.74 26.28 -8.06
CA ARG B 73 -25.12 25.82 -9.32
C ARG B 73 -24.23 24.60 -9.04
N ASP B 74 -24.17 23.71 -10.04
CA ASP B 74 -23.34 22.48 -10.13
C ASP B 74 -22.05 22.82 -10.86
N LEU B 75 -20.92 22.31 -10.41
CA LEU B 75 -19.62 22.60 -11.03
C LEU B 75 -19.32 21.53 -12.07
N GLU B 76 -18.79 21.89 -13.23
CA GLU B 76 -18.39 20.91 -14.26
C GLU B 76 -17.21 20.05 -13.76
N ILE B 77 -17.42 18.73 -13.72
CA ILE B 77 -16.39 17.74 -13.29
C ILE B 77 -15.63 17.22 -14.51
N GLU B 78 -14.33 17.48 -14.58
CA GLU B 78 -13.48 17.05 -15.72
C GLU B 78 -12.98 15.62 -15.51
N VAL B 79 -12.43 15.30 -14.33
CA VAL B 79 -11.93 13.93 -14.09
CA VAL B 79 -11.79 13.99 -14.04
C VAL B 79 -12.20 13.58 -12.61
N VAL B 80 -12.49 12.32 -12.41
CA VAL B 80 -12.59 11.76 -11.03
C VAL B 80 -11.48 10.73 -10.88
N LEU B 81 -10.63 10.91 -9.89
CA LEU B 81 -9.47 10.02 -9.63
C LEU B 81 -9.74 9.24 -8.36
N PHE B 82 -9.98 7.94 -8.46
CA PHE B 82 -10.06 7.02 -7.31
C PHE B 82 -8.64 6.68 -6.89
N HIS B 83 -8.38 6.58 -5.58
CA HIS B 83 -7.14 5.93 -5.12
C HIS B 83 -7.04 4.59 -5.84
N PRO B 84 -5.89 4.26 -6.45
CA PRO B 84 -5.82 3.04 -7.26
C PRO B 84 -6.00 1.74 -6.47
N ASN B 85 -5.85 1.75 -5.15
CA ASN B 85 -6.02 0.53 -4.32
C ASN B 85 -7.47 0.34 -3.91
N TYR B 86 -8.35 1.29 -4.17
CA TYR B 86 -9.78 1.23 -3.76
C TYR B 86 -10.54 0.20 -4.60
N ASN B 87 -11.25 -0.68 -3.90
CA ASN B 87 -12.15 -1.72 -4.50
C ASN B 87 -13.16 -2.22 -3.48
N ILE B 88 -14.41 -1.75 -3.59
CA ILE B 88 -15.47 -2.06 -2.59
C ILE B 88 -15.68 -3.58 -2.56
N ASN B 89 -15.35 -4.28 -3.64
CA ASN B 89 -15.60 -5.74 -3.80
C ASN B 89 -14.33 -6.56 -3.54
N GLY B 90 -13.21 -5.95 -3.15
CA GLY B 90 -11.90 -6.59 -3.09
C GLY B 90 -11.76 -7.74 -2.08
N LYS B 91 -12.64 -7.87 -1.09
CA LYS B 91 -12.53 -8.95 -0.07
C LYS B 91 -13.85 -9.74 0.01
N LYS B 92 -14.63 -9.76 -1.07
CA LYS B 92 -15.94 -10.47 -1.11
C LYS B 92 -15.75 -11.96 -0.75
N GLU B 93 -14.66 -12.58 -1.21
CA GLU B 93 -14.33 -14.02 -1.02
C GLU B 93 -13.98 -14.31 0.44
N ALA B 94 -13.45 -13.33 1.16
CA ALA B 94 -13.19 -13.41 2.62
C ALA B 94 -14.45 -13.08 3.43
N GLY B 95 -15.63 -12.97 2.82
CA GLY B 95 -16.90 -12.69 3.53
C GLY B 95 -17.01 -11.23 3.94
N ILE B 96 -16.22 -10.35 3.34
CA ILE B 96 -16.32 -8.86 3.51
C ILE B 96 -17.12 -8.28 2.35
N PRO B 97 -18.41 -7.96 2.55
CA PRO B 97 -19.32 -7.60 1.46
C PRO B 97 -19.02 -6.21 0.85
N GLU B 98 -18.47 -5.32 1.66
CA GLU B 98 -18.05 -3.95 1.27
C GLU B 98 -16.73 -3.66 1.96
N PHE B 99 -15.70 -3.41 1.18
CA PHE B 99 -14.33 -3.13 1.70
C PHE B 99 -13.99 -1.66 1.38
N TYR B 100 -13.81 -0.85 2.41
CA TYR B 100 -13.62 0.62 2.27
C TYR B 100 -12.16 1.03 2.41
N ASP B 101 -11.23 0.11 2.28
CA ASP B 101 -9.81 0.51 2.28
C ASP B 101 -9.56 1.50 1.14
N TYR B 102 -8.72 2.50 1.39
CA TYR B 102 -8.32 3.53 0.42
C TYR B 102 -9.54 4.21 -0.20
N ASP B 103 -10.59 4.46 0.58
CA ASP B 103 -11.85 5.10 0.12
C ASP B 103 -11.68 6.61 0.00
N VAL B 104 -10.85 7.04 -0.94
CA VAL B 104 -10.61 8.48 -1.21
C VAL B 104 -10.59 8.69 -2.73
N ALA B 105 -11.08 9.84 -3.13
CA ALA B 105 -11.16 10.24 -4.55
C ALA B 105 -11.02 11.74 -4.67
N LEU B 106 -10.40 12.16 -5.77
CA LEU B 106 -10.28 13.58 -6.11
C LEU B 106 -11.16 13.88 -7.30
N ILE B 107 -11.91 14.97 -7.16
CA ILE B 107 -12.70 15.59 -8.25
C ILE B 107 -11.87 16.71 -8.83
N LYS B 108 -11.49 16.59 -10.09
CA LYS B 108 -10.81 17.68 -10.82
C LYS B 108 -11.88 18.48 -11.55
N LEU B 109 -12.00 19.74 -11.21
CA LEU B 109 -13.00 20.65 -11.81
C LEU B 109 -12.45 21.13 -13.17
N LYS B 110 -13.32 21.32 -14.13
CA LYS B 110 -12.94 21.99 -15.39
C LYS B 110 -12.54 23.44 -15.11
N ASN B 111 -13.36 24.19 -14.34
CA ASN B 111 -13.19 25.66 -14.15
C ASN B 111 -12.49 25.93 -12.82
N LYS B 112 -11.59 26.91 -12.81
CA LYS B 112 -10.91 27.42 -11.59
C LYS B 112 -11.94 28.00 -10.62
N LEU B 113 -11.92 27.58 -9.35
CA LEU B 113 -12.75 28.21 -8.31
C LEU B 113 -12.22 29.62 -8.04
N LYS B 114 -13.11 30.53 -7.70
CA LYS B 114 -12.75 31.90 -7.19
C LYS B 114 -12.91 31.85 -5.67
N TYR B 115 -11.81 31.83 -4.93
CA TYR B 115 -11.85 31.91 -3.44
C TYR B 115 -12.52 33.23 -3.02
N GLY B 116 -13.26 33.19 -1.92
CA GLY B 116 -13.94 34.37 -1.34
C GLY B 116 -14.41 34.04 0.05
N GLN B 117 -15.52 34.64 0.52
CA GLN B 117 -16.01 34.49 1.91
C GLN B 117 -16.55 33.08 2.17
N THR B 118 -17.08 32.40 1.14
CA THR B 118 -17.81 31.13 1.32
C THR B 118 -17.11 29.97 0.58
N ILE B 119 -15.96 30.23 -0.04
CA ILE B 119 -15.20 29.22 -0.82
C ILE B 119 -13.73 29.42 -0.51
N ARG B 120 -13.17 28.53 0.28
CA ARG B 120 -11.73 28.61 0.63
C ARG B 120 -11.23 27.19 0.75
N PRO B 121 -9.92 26.98 0.61
CA PRO B 121 -9.36 25.66 0.73
C PRO B 121 -9.08 25.32 2.20
N ILE B 122 -9.20 24.03 2.51
CA ILE B 122 -8.73 23.47 3.81
C ILE B 122 -7.25 23.08 3.68
N CYS B 123 -6.50 23.12 4.76
CA CYS B 123 -5.09 22.65 4.79
C CYS B 123 -5.04 21.13 4.68
N LEU B 124 -4.08 20.61 3.94
CA LEU B 124 -3.83 19.16 3.87
C LEU B 124 -2.56 18.85 4.65
N PRO B 125 -2.42 17.60 5.17
CA PRO B 125 -1.24 17.17 5.91
C PRO B 125 0.01 17.20 5.02
N CYS B 126 1.15 17.50 5.61
CA CYS B 126 2.50 17.44 5.00
C CYS B 126 2.58 18.38 3.78
N THR B 127 2.09 19.60 3.99
CA THR B 127 2.23 20.73 3.04
C THR B 127 2.81 21.93 3.77
N GLU B 128 3.43 22.82 3.03
CA GLU B 128 3.95 24.12 3.58
C GLU B 128 2.77 24.94 4.09
N GLY B 129 1.59 24.81 3.48
CA GLY B 129 0.38 25.46 3.99
C GLY B 129 0.13 25.12 5.46
N THR B 130 0.23 23.85 5.81
CA THR B 130 -0.04 23.37 7.18
C THR B 130 1.11 23.82 8.11
N THR B 131 2.37 23.75 7.68
CA THR B 131 3.51 24.30 8.47
C THR B 131 3.21 25.75 8.88
N ARG B 132 2.78 26.58 7.91
CA ARG B 132 2.50 28.01 8.16
C ARG B 132 1.26 28.13 9.04
N ALA B 133 0.19 27.38 8.75
CA ALA B 133 -1.05 27.44 9.54
C ALA B 133 -0.74 27.09 11.00
N LEU B 134 0.12 26.10 11.27
CA LEU B 134 0.49 25.64 12.63
C LEU B 134 1.63 26.49 13.22
N ARG B 135 2.08 27.52 12.50
CA ARG B 135 3.12 28.47 12.99
C ARG B 135 4.36 27.67 13.39
N LEU B 136 4.73 26.67 12.59
CA LEU B 136 5.91 25.82 12.86
C LEU B 136 7.07 26.30 11.99
N PRO B 137 8.32 25.92 12.34
CA PRO B 137 9.47 26.33 11.55
C PRO B 137 9.51 25.71 10.16
N PRO B 138 10.24 26.34 9.21
CA PRO B 138 10.26 25.87 7.82
C PRO B 138 10.99 24.54 7.63
N THR B 139 11.75 24.08 8.63
CA THR B 139 12.42 22.75 8.60
C THR B 139 11.42 21.68 9.06
N THR B 140 10.18 22.04 9.39
CA THR B 140 9.17 21.06 9.90
C THR B 140 9.01 19.93 8.88
N THR B 141 9.02 18.69 9.36
CA THR B 141 8.89 17.47 8.51
C THR B 141 7.46 16.97 8.55
N CYS B 142 7.16 16.08 7.60
CA CYS B 142 5.84 15.40 7.57
C CYS B 142 5.63 14.66 8.91
N GLN B 143 6.64 13.97 9.41
CA GLN B 143 6.55 13.23 10.68
C GLN B 143 6.27 14.21 11.82
N GLN B 144 6.90 15.38 11.83
CA GLN B 144 6.64 16.37 12.90
C GLN B 144 5.18 16.87 12.81
N GLN B 145 4.64 17.06 11.62
CA GLN B 145 3.24 17.53 11.46
C GLN B 145 2.32 16.44 12.02
N LYS B 146 2.63 15.18 11.74
CA LYS B 146 1.82 14.04 12.22
C LYS B 146 1.85 13.98 13.74
N GLU B 147 3.01 14.24 14.34
CA GLU B 147 3.14 14.23 15.81
C GLU B 147 2.33 15.37 16.42
N GLU B 148 2.23 16.49 15.72
CA GLU B 148 1.45 17.66 16.16
C GLU B 148 -0.05 17.42 16.00
N LEU B 149 -0.47 16.79 14.89
CA LEU B 149 -1.91 16.74 14.53
C LEU B 149 -2.56 15.45 15.04
N LEU B 150 -1.84 14.33 15.01
CA LEU B 150 -2.34 13.00 15.42
C LEU B 150 -1.38 12.41 16.44
N PRO B 151 -1.27 13.04 17.62
CA PRO B 151 -0.56 12.43 18.73
C PRO B 151 -1.26 11.14 19.19
N ALA B 152 -0.54 10.28 19.91
CA ALA B 152 -1.05 8.96 20.39
C ALA B 152 -1.92 9.18 21.63
N GLN B 153 -3.11 9.75 21.45
CA GLN B 153 -4.07 10.07 22.53
C GLN B 153 -5.45 10.26 21.90
N ASP B 154 -6.44 10.60 22.72
CA ASP B 154 -7.76 11.08 22.25
C ASP B 154 -7.56 12.47 21.63
N ILE B 155 -7.98 12.63 20.39
CA ILE B 155 -7.75 13.89 19.62
C ILE B 155 -9.10 14.52 19.35
N LYS B 156 -9.27 15.76 19.79
CA LYS B 156 -10.53 16.47 19.56
C LYS B 156 -10.55 16.90 18.09
N ALA B 157 -11.64 16.63 17.40
CA ALA B 157 -11.76 16.88 15.95
C ALA B 157 -13.20 17.23 15.64
N LEU B 158 -13.50 17.49 14.37
CA LEU B 158 -14.88 17.84 14.02
C LEU B 158 -15.18 17.37 12.60
N PHE B 159 -16.45 17.18 12.31
CA PHE B 159 -16.95 17.06 10.93
C PHE B 159 -18.19 17.91 10.82
N VAL B 160 -18.67 18.06 9.60
CA VAL B 160 -19.84 18.91 9.28
C VAL B 160 -20.87 18.11 8.49
N SER B 161 -22.14 18.21 8.88
CA SER B 161 -23.31 17.64 8.18
C SER B 161 -24.10 18.76 7.50
N GLU B 162 -24.74 18.46 6.38
CA GLU B 162 -25.42 19.48 5.53
C GLU B 162 -26.88 19.07 5.35
N GLU B 163 -27.76 20.06 5.36
CA GLU B 163 -29.19 19.85 5.05
C GLU B 163 -29.77 21.18 4.55
N GLU B 164 -30.19 21.22 3.29
CA GLU B 164 -30.84 22.40 2.64
C GLU B 164 -29.96 23.65 2.83
N LYS B 165 -28.66 23.52 2.53
CA LYS B 165 -27.66 24.63 2.52
C LYS B 165 -27.24 25.03 3.93
N LYS B 166 -27.78 24.37 4.96
CA LYS B 166 -27.37 24.67 6.33
C LYS B 166 -26.37 23.60 6.82
N LEU B 167 -25.28 24.06 7.45
CA LEU B 167 -24.18 23.20 7.94
C LEU B 167 -24.24 23.10 9.46
N THR B 168 -23.98 21.90 9.98
CA THR B 168 -23.96 21.61 11.42
C THR B 168 -22.61 21.03 11.77
N ARG B 169 -21.85 21.73 12.59
CA ARG B 169 -20.54 21.27 13.07
C ARG B 169 -20.74 20.26 14.20
N LYS B 170 -20.08 19.11 14.11
CA LYS B 170 -20.16 18.02 15.11
C LYS B 170 -18.77 17.75 15.65
N GLU B 171 -18.59 17.90 16.94
CA GLU B 171 -17.27 17.68 17.57
C GLU B 171 -17.15 16.22 17.98
N VAL B 172 -16.01 15.60 17.69
CA VAL B 172 -15.78 14.16 17.94
C VAL B 172 -14.39 14.02 18.51
N TYR B 173 -14.05 12.81 18.94
CA TYR B 173 -12.69 12.45 19.34
C TYR B 173 -12.19 11.29 18.50
N ILE B 174 -10.98 11.46 17.97
CA ILE B 174 -10.22 10.38 17.31
C ILE B 174 -9.55 9.57 18.42
N LYS B 175 -9.82 8.26 18.48
CA LYS B 175 -9.21 7.38 19.50
C LYS B 175 -7.84 6.92 18.97
N ASN B 176 -6.78 7.65 19.27
CA ASN B 176 -5.45 7.35 18.68
C ASN B 176 -4.44 6.90 19.74
N GLY B 177 -4.89 6.70 20.97
CA GLY B 177 -4.05 6.26 22.09
C GLY B 177 -4.55 4.94 22.64
N ASP B 178 -4.76 4.89 23.94
CA ASP B 178 -5.14 3.66 24.67
C ASP B 178 -6.50 3.12 24.20
N LYS B 179 -7.36 3.95 23.63
CA LYS B 179 -8.74 3.54 23.24
C LYS B 179 -8.77 3.08 21.78
N LYS B 180 -7.65 3.15 21.05
CA LYS B 180 -7.59 2.87 19.59
C LYS B 180 -8.07 1.43 19.33
N GLY B 181 -7.49 0.44 20.04
CA GLY B 181 -7.87 -0.98 19.85
C GLY B 181 -9.36 -1.20 20.07
N SER B 182 -9.93 -0.64 21.15
CA SER B 182 -11.36 -0.79 21.51
C SER B 182 -12.20 -0.24 20.37
N CYS B 183 -11.83 0.94 19.89
CA CYS B 183 -12.59 1.65 18.83
C CYS B 183 -12.59 0.77 17.57
N GLU B 184 -11.44 0.24 17.17
CA GLU B 184 -11.30 -0.57 15.93
C GLU B 184 -12.08 -1.88 16.07
N ARG B 185 -12.02 -2.53 17.23
CA ARG B 185 -12.67 -3.83 17.44
C ARG B 185 -14.18 -3.67 17.29
N ASP B 186 -14.72 -2.48 17.59
CA ASP B 186 -16.16 -2.21 17.51
C ASP B 186 -16.66 -2.21 16.07
N ALA B 187 -15.80 -2.35 15.07
CA ALA B 187 -16.23 -2.57 13.67
C ALA B 187 -17.12 -3.82 13.58
N GLN B 188 -16.98 -4.75 14.52
CA GLN B 188 -17.78 -6.02 14.53
C GLN B 188 -19.27 -5.73 14.73
N TYR B 189 -19.65 -4.55 15.24
CA TYR B 189 -21.07 -4.20 15.47
C TYR B 189 -21.72 -3.72 14.15
N ALA B 190 -20.90 -3.49 13.13
CA ALA B 190 -21.37 -3.04 11.80
C ALA B 190 -22.03 -4.24 11.12
N PRO B 191 -23.29 -4.14 10.69
CA PRO B 191 -23.86 -5.18 9.83
C PRO B 191 -22.94 -5.55 8.66
N GLY B 192 -22.67 -6.86 8.52
CA GLY B 192 -21.83 -7.46 7.47
C GLY B 192 -20.43 -7.73 7.95
N TYR B 193 -19.99 -7.14 9.08
CA TYR B 193 -18.60 -7.26 9.58
C TYR B 193 -18.56 -8.12 10.87
N ASP B 194 -19.70 -8.69 11.24
CA ASP B 194 -19.95 -9.38 12.53
C ASP B 194 -19.42 -10.83 12.50
N LYS B 195 -19.10 -11.34 11.32
CA LYS B 195 -18.65 -12.74 11.08
C LYS B 195 -17.14 -12.79 10.76
N VAL B 196 -16.48 -11.69 10.45
CA VAL B 196 -15.02 -11.68 10.16
C VAL B 196 -14.23 -12.08 11.42
N LYS B 197 -13.33 -13.06 11.33
CA LYS B 197 -12.51 -13.56 12.48
C LYS B 197 -11.46 -12.50 12.90
N ASP B 198 -10.73 -11.94 11.94
CA ASP B 198 -9.68 -10.93 12.20
C ASP B 198 -10.22 -9.56 11.74
N ILE B 199 -10.56 -8.67 12.67
CA ILE B 199 -11.25 -7.40 12.32
C ILE B 199 -10.27 -6.45 11.62
N SER B 200 -8.96 -6.69 11.69
CA SER B 200 -7.95 -5.88 10.99
C SER B 200 -8.04 -6.13 9.48
N GLU B 201 -8.78 -7.16 9.05
CA GLU B 201 -9.08 -7.36 7.60
C GLU B 201 -10.04 -6.26 7.10
N VAL B 202 -10.88 -5.72 7.96
CA VAL B 202 -11.84 -4.64 7.62
C VAL B 202 -11.23 -3.29 8.03
N VAL B 203 -10.73 -3.20 9.25
CA VAL B 203 -10.11 -1.97 9.80
C VAL B 203 -8.60 -2.04 9.55
N THR B 204 -8.18 -1.55 8.39
CA THR B 204 -6.78 -1.53 7.93
C THR B 204 -6.07 -0.35 8.56
N PRO B 205 -4.74 -0.27 8.39
CA PRO B 205 -4.00 0.88 8.86
C PRO B 205 -4.33 2.22 8.17
N ARG B 206 -5.17 2.24 7.15
CA ARG B 206 -5.62 3.50 6.51
C ARG B 206 -6.64 4.24 7.39
N PHE B 207 -7.19 3.65 8.47
CA PHE B 207 -8.34 4.27 9.17
C PHE B 207 -7.97 4.91 10.50
N LEU B 208 -8.65 6.03 10.77
CA LEU B 208 -8.84 6.66 12.11
C LEU B 208 -10.27 6.35 12.56
N CYS B 209 -10.47 6.34 13.88
CA CYS B 209 -11.70 5.86 14.53
C CYS B 209 -12.25 6.96 15.44
N THR B 210 -13.52 7.35 15.26
CA THR B 210 -14.21 8.26 16.19
C THR B 210 -15.45 7.55 16.74
N GLY B 211 -16.19 8.23 17.60
CA GLY B 211 -17.50 7.71 18.07
C GLY B 211 -17.36 7.03 19.42
N GLY B 212 -18.47 6.66 20.00
CA GLY B 212 -18.57 6.08 21.35
C GLY B 212 -18.77 7.15 22.41
N VAL B 213 -18.52 6.79 23.67
CA VAL B 213 -19.05 7.58 24.82
C VAL B 213 -17.90 8.00 25.72
N SER B 214 -16.67 7.63 25.41
CA SER B 214 -15.50 8.11 26.16
C SER B 214 -14.47 8.62 25.15
N PRO B 215 -13.76 9.74 25.43
CA PRO B 215 -13.89 10.49 26.68
C PRO B 215 -15.15 11.35 26.84
N TYR B 216 -15.87 11.57 25.75
CA TYR B 216 -17.16 12.30 25.73
C TYR B 216 -18.12 11.52 24.82
N ALA B 217 -19.40 11.88 24.86
CA ALA B 217 -20.42 11.36 23.94
C ALA B 217 -20.22 11.95 22.54
N ASP B 218 -19.67 11.16 21.61
CA ASP B 218 -19.47 11.63 20.21
C ASP B 218 -20.75 11.51 19.40
N PRO B 219 -21.13 12.55 18.63
CA PRO B 219 -22.10 12.39 17.53
C PRO B 219 -21.54 11.44 16.44
N ASN B 220 -22.44 10.77 15.74
CA ASN B 220 -22.13 9.78 14.69
C ASN B 220 -22.44 10.36 13.31
N THR B 221 -21.80 9.77 12.32
CA THR B 221 -22.02 10.08 10.89
C THR B 221 -23.24 9.32 10.39
N CYS B 222 -23.76 9.80 9.28
CA CYS B 222 -24.73 9.11 8.39
C CYS B 222 -24.08 8.88 7.02
N ARG B 223 -24.72 8.08 6.17
CA ARG B 223 -24.21 7.79 4.81
C ARG B 223 -23.97 9.10 4.08
N GLY B 224 -24.85 10.09 4.25
CA GLY B 224 -24.77 11.37 3.54
C GLY B 224 -23.52 12.17 3.84
N ASP B 225 -22.84 11.85 4.97
CA ASP B 225 -21.61 12.56 5.42
C ASP B 225 -20.37 11.98 4.74
N SER B 226 -20.50 10.84 4.08
CA SER B 226 -19.41 10.13 3.36
C SER B 226 -18.62 11.13 2.53
N GLY B 227 -17.30 11.10 2.63
CA GLY B 227 -16.42 11.96 1.82
C GLY B 227 -16.10 13.28 2.49
N GLY B 228 -16.87 13.69 3.51
CA GLY B 228 -16.63 14.95 4.25
C GLY B 228 -15.28 14.94 4.96
N PRO B 229 -14.66 16.12 5.17
CA PRO B 229 -13.40 16.18 5.91
C PRO B 229 -13.58 15.93 7.40
N LEU B 230 -12.68 15.16 7.97
CA LEU B 230 -12.43 15.07 9.41
C LEU B 230 -11.31 16.06 9.71
N ILE B 231 -11.61 17.01 10.58
CA ILE B 231 -10.83 18.26 10.71
C ILE B 231 -10.33 18.41 12.15
N VAL B 232 -9.09 18.87 12.27
CA VAL B 232 -8.51 19.34 13.55
C VAL B 232 -8.45 20.87 13.51
N HIS B 233 -8.92 21.50 14.58
CA HIS B 233 -8.94 22.96 14.76
C HIS B 233 -7.83 23.32 15.74
N LYS B 234 -6.81 23.98 15.27
CA LYS B 234 -5.61 24.35 16.05
C LYS B 234 -5.28 25.82 15.81
N ARG B 235 -5.21 26.60 16.89
CA ARG B 235 -4.79 28.02 16.83
C ARG B 235 -5.52 28.69 15.67
N SER B 236 -6.85 28.59 15.63
CA SER B 236 -7.73 29.35 14.72
C SER B 236 -7.52 28.92 13.26
N ARG B 237 -6.97 27.72 13.02
CA ARG B 237 -6.82 27.18 11.65
C ARG B 237 -7.38 25.75 11.61
N PHE B 238 -7.83 25.36 10.44
CA PHE B 238 -8.51 24.07 10.23
C PHE B 238 -7.66 23.21 9.30
N ILE B 239 -7.31 22.01 9.78
CA ILE B 239 -6.41 21.10 9.05
C ILE B 239 -7.21 19.82 8.82
N GLN B 240 -7.33 19.39 7.58
CA GLN B 240 -8.02 18.09 7.31
C GLN B 240 -7.06 16.95 7.65
N VAL B 241 -7.49 16.00 8.49
CA VAL B 241 -6.66 14.80 8.78
C VAL B 241 -7.30 13.55 8.19
N GLY B 242 -8.60 13.58 7.88
CA GLY B 242 -9.26 12.40 7.34
C GLY B 242 -10.38 12.69 6.39
N VAL B 243 -10.85 11.62 5.76
CA VAL B 243 -12.08 11.61 4.91
C VAL B 243 -13.08 10.62 5.51
N ILE B 244 -14.28 11.08 5.83
CA ILE B 244 -15.30 10.19 6.41
C ILE B 244 -15.54 9.03 5.43
N SER B 245 -15.45 7.79 5.89
CA SER B 245 -15.58 6.61 4.99
C SER B 245 -16.80 5.79 5.37
N TRP B 246 -16.89 5.27 6.59
CA TRP B 246 -18.01 4.36 6.94
C TRP B 246 -18.23 4.30 8.44
N GLY B 247 -19.47 4.02 8.84
CA GLY B 247 -19.88 3.90 10.24
C GLY B 247 -20.54 2.56 10.57
N VAL B 248 -20.53 2.25 11.86
CA VAL B 248 -21.19 1.05 12.43
C VAL B 248 -22.71 1.24 12.35
N VAL B 249 -23.19 2.45 12.54
CA VAL B 249 -24.67 2.74 12.55
C VAL B 249 -24.96 4.10 11.89
N ASP B 250 -25.89 4.11 10.94
CA ASP B 250 -26.34 5.36 10.29
C ASP B 250 -27.39 5.99 11.21
N VAL B 251 -27.04 7.04 11.95
CA VAL B 251 -27.98 7.62 12.97
C VAL B 251 -29.08 8.46 12.32
N CYS B 252 -28.96 8.82 11.03
CA CYS B 252 -30.05 9.45 10.25
C CYS B 252 -31.15 8.42 9.97
N LYS B 253 -30.82 7.14 9.79
CA LYS B 253 -31.75 6.06 9.37
C LYS B 253 -32.14 5.18 10.56
N ASN B 254 -31.23 5.03 11.54
CA ASN B 254 -31.25 3.90 12.49
C ASN B 254 -30.71 4.36 13.85
N GLN B 255 -31.18 5.52 14.31
CA GLN B 255 -30.89 6.03 15.67
C GLN B 255 -31.24 4.96 16.70
N LYS B 256 -32.30 4.17 16.47
CA LYS B 256 -32.73 3.06 17.38
C LYS B 256 -31.53 2.14 17.68
N ARG B 257 -30.80 1.70 16.65
CA ARG B 257 -29.63 0.80 16.78
C ARG B 257 -28.52 1.50 17.58
N GLN B 258 -28.23 2.79 17.33
CA GLN B 258 -27.15 3.51 18.08
C GLN B 258 -27.50 3.55 19.58
N LYS B 259 -28.77 3.73 19.92
CA LYS B 259 -29.22 3.75 21.34
C LYS B 259 -29.19 2.33 21.95
N GLN B 260 -29.16 1.26 21.14
CA GLN B 260 -28.98 -0.12 21.67
C GLN B 260 -27.50 -0.39 22.00
N VAL B 261 -26.56 0.07 21.17
CA VAL B 261 -25.10 -0.24 21.27
C VAL B 261 -24.28 1.05 21.25
N PRO B 262 -24.63 2.04 22.10
CA PRO B 262 -24.04 3.38 22.01
C PRO B 262 -22.55 3.40 22.35
N ALA B 263 -22.09 2.48 23.21
CA ALA B 263 -20.68 2.40 23.61
C ALA B 263 -19.81 1.96 22.43
N HIS B 264 -20.40 1.33 21.43
CA HIS B 264 -19.64 0.71 20.32
C HIS B 264 -19.95 1.39 18.96
N ALA B 265 -20.69 2.49 18.91
CA ALA B 265 -21.12 3.17 17.65
C ALA B 265 -19.95 4.04 17.15
N ARG B 266 -19.07 3.41 16.38
CA ARG B 266 -17.83 4.06 15.89
C ARG B 266 -18.01 4.50 14.43
N ASP B 267 -17.27 5.52 14.04
CA ASP B 267 -17.15 5.98 12.64
C ASP B 267 -15.69 5.83 12.22
N PHE B 268 -15.48 5.53 10.93
CA PHE B 268 -14.15 5.22 10.38
C PHE B 268 -13.85 6.20 9.26
N HIS B 269 -12.61 6.69 9.24
CA HIS B 269 -12.18 7.81 8.37
C HIS B 269 -10.83 7.44 7.76
N ILE B 270 -10.68 7.68 6.47
CA ILE B 270 -9.37 7.44 5.84
C ILE B 270 -8.40 8.50 6.36
N ASN B 271 -7.31 8.04 6.94
CA ASN B 271 -6.21 8.88 7.47
C ASN B 271 -5.41 9.44 6.30
N LEU B 272 -5.42 10.76 6.09
CA LEU B 272 -4.75 11.37 4.91
C LEU B 272 -3.24 11.16 5.01
N PHE B 273 -2.68 10.98 6.21
CA PHE B 273 -1.23 10.66 6.33
C PHE B 273 -0.93 9.29 5.73
N GLN B 274 -1.92 8.43 5.56
CA GLN B 274 -1.70 7.05 5.03
C GLN B 274 -1.93 6.99 3.51
N VAL B 275 -2.34 8.07 2.86
CA VAL B 275 -2.52 8.12 1.37
C VAL B 275 -1.74 9.30 0.83
N LEU B 276 -0.70 9.77 1.52
CA LEU B 276 0.07 10.96 1.06
C LEU B 276 0.71 10.73 -0.29
N PRO B 277 1.31 9.58 -0.62
CA PRO B 277 1.95 9.46 -1.93
C PRO B 277 0.98 9.75 -3.06
N TRP B 278 -0.24 9.23 -2.96
CA TRP B 278 -1.29 9.48 -3.96
C TRP B 278 -1.68 10.97 -3.95
N LEU B 279 -1.92 11.58 -2.79
CA LEU B 279 -2.36 13.01 -2.72
C LEU B 279 -1.28 13.88 -3.37
N LYS B 280 -0.05 13.67 -2.96
CA LYS B 280 1.12 14.45 -3.41
C LYS B 280 1.24 14.33 -4.94
N GLU B 281 1.11 13.14 -5.49
CA GLU B 281 1.23 12.93 -6.97
C GLU B 281 0.07 13.61 -7.70
N LYS B 282 -1.18 13.34 -7.30
CA LYS B 282 -2.35 13.85 -8.04
C LYS B 282 -2.45 15.37 -7.85
N LEU B 283 -1.96 15.93 -6.74
CA LEU B 283 -2.08 17.38 -6.49
C LEU B 283 -0.76 18.12 -6.74
N GLN B 284 0.17 17.49 -7.45
CA GLN B 284 1.56 18.03 -7.63
C GLN B 284 1.55 19.35 -8.40
N ASP B 285 0.55 19.63 -9.22
CA ASP B 285 0.52 20.90 -10.02
C ASP B 285 -0.45 21.91 -9.42
N GLU B 286 -0.84 21.78 -8.12
CA GLU B 286 -1.82 22.68 -7.46
C GLU B 286 -1.13 23.72 -6.56
N ASP B 287 0.20 23.71 -6.53
CA ASP B 287 1.06 24.64 -5.74
C ASP B 287 0.63 24.64 -4.27
N LEU B 288 0.49 23.45 -3.69
CA LEU B 288 0.21 23.26 -2.26
C LEU B 288 1.50 23.04 -1.46
N GLY B 289 2.63 22.88 -2.14
CA GLY B 289 3.95 22.69 -1.52
C GLY B 289 3.99 21.50 -0.60
N PHE B 290 3.77 20.29 -1.17
CA PHE B 290 3.91 19.03 -0.43
C PHE B 290 5.36 18.92 -0.01
N LEU B 291 5.59 18.49 1.23
CA LEU B 291 6.93 18.22 1.76
C LEU B 291 7.48 16.97 1.07
#